data_8U0M
#
_entry.id   8U0M
#
_cell.length_a   96.568
_cell.length_b   101.067
_cell.length_c   64.735
_cell.angle_alpha   90.000
_cell.angle_beta   90.000
_cell.angle_gamma   90.000
#
_symmetry.space_group_name_H-M   'P 21 21 2'
#
loop_
_entity.id
_entity.type
_entity.pdbx_description
1 polymer 'Isopentenyl phosphate kinase'
2 non-polymer "ADENOSINE-5'-DIPHOSPHATE"
3 non-polymer '(2E)-2-methylbut-2-en-1-yl dihydrogen phosphate'
4 non-polymer "ADENOSINE-5'-TRIPHOSPHATE"
5 water water
#
_entity_poly.entity_id   1
_entity_poly.type   'polypeptide(L)'
_entity_poly.pdbx_seq_one_letter_code
;MGSSHHHHHHSSGLVPAGSHMIIIKLGGSVISDKEKEYSFHRHIVEQIAEEIAQFYPDESFILVHGGGSFGHPNAREYKI
TEGLVGDVDRKRIGFSKTHQAMLKLNDLIIQTFLEKGLPAYSVSSSSIFLLENKEVVYGELEILRKLLELKFIPVLFGDT
AIALDKGIDILSGDQIVSYLAKMLKPSKVIFLMDVDGIYDRNPKERDAKLIEELNVEEIRHLLESSESAGIDVTGGIGNK
LREALKIAKHSEVYFINGKVKENLGKAIRGEKVGTRLRKLEHPKIS
;
_entity_poly.pdbx_strand_id   A,B
#
# COMPACT_ATOMS: atom_id res chain seq x y z
N HIS A 20 15.40 18.05 -10.46
CA HIS A 20 14.86 18.60 -9.23
C HIS A 20 14.53 17.51 -8.22
N MET A 21 14.27 16.31 -8.73
CA MET A 21 13.91 15.17 -7.91
C MET A 21 15.13 14.32 -7.61
N ILE A 22 15.24 13.86 -6.36
CA ILE A 22 16.35 13.04 -5.90
C ILE A 22 15.79 11.76 -5.29
N ILE A 23 16.31 10.62 -5.74
CA ILE A 23 15.86 9.33 -5.26
C ILE A 23 16.89 8.80 -4.27
N ILE A 24 16.50 8.65 -3.01
CA ILE A 24 17.39 8.20 -1.95
C ILE A 24 17.01 6.77 -1.59
N LYS A 25 17.93 5.84 -1.82
CA LYS A 25 17.76 4.44 -1.43
C LYS A 25 18.44 4.21 -0.09
N LEU A 26 17.69 3.64 0.85
CA LEU A 26 18.17 3.36 2.20
C LEU A 26 18.52 1.89 2.29
N GLY A 27 19.79 1.59 2.56
CA GLY A 27 20.22 0.20 2.59
C GLY A 27 19.62 -0.57 3.74
N GLY A 28 19.49 -1.89 3.54
CA GLY A 28 18.94 -2.73 4.58
C GLY A 28 19.85 -2.84 5.79
N SER A 29 21.15 -3.03 5.56
CA SER A 29 22.11 -3.06 6.65
C SER A 29 22.31 -1.70 7.30
N VAL A 30 21.73 -0.64 6.74
CA VAL A 30 21.87 0.70 7.28
C VAL A 30 20.75 0.93 8.30
N ILE A 31 19.50 0.94 7.83
CA ILE A 31 18.38 1.29 8.70
C ILE A 31 18.13 0.22 9.76
N SER A 32 18.52 -1.03 9.50
CA SER A 32 18.26 -2.12 10.42
C SER A 32 19.47 -3.03 10.49
N ASP A 33 19.42 -3.96 11.45
CA ASP A 33 20.48 -4.93 11.69
C ASP A 33 21.84 -4.26 11.90
N SER A 39 15.33 -5.12 15.72
CA SER A 39 16.49 -4.30 15.41
C SER A 39 16.12 -3.14 14.49
N PHE A 40 16.39 -1.92 14.95
CA PHE A 40 16.06 -0.72 14.19
C PHE A 40 16.91 0.43 14.69
N HIS A 41 17.78 0.95 13.82
CA HIS A 41 18.66 2.07 14.17
C HIS A 41 17.90 3.36 13.96
N ARG A 42 17.21 3.81 15.00
CA ARG A 42 16.35 4.99 14.89
C ARG A 42 17.16 6.29 14.83
N HIS A 43 18.32 6.33 15.50
CA HIS A 43 19.12 7.55 15.53
C HIS A 43 19.59 7.94 14.14
N ILE A 44 20.06 6.95 13.35
CA ILE A 44 20.52 7.27 12.01
C ILE A 44 19.35 7.66 11.11
N VAL A 45 18.15 7.14 11.39
CA VAL A 45 16.98 7.55 10.61
C VAL A 45 16.63 9.01 10.93
N GLU A 46 16.73 9.40 12.20
CA GLU A 46 16.55 10.80 12.55
C GLU A 46 17.61 11.67 11.87
N GLN A 47 18.84 11.17 11.80
CA GLN A 47 19.92 11.90 11.15
C GLN A 47 19.62 12.13 9.67
N ILE A 48 19.20 11.06 8.98
CA ILE A 48 18.82 11.17 7.57
C ILE A 48 17.64 12.13 7.41
N ALA A 49 16.69 12.09 8.34
CA ALA A 49 15.54 12.98 8.28
C ALA A 49 15.97 14.45 8.37
N GLU A 50 16.86 14.76 9.31
CA GLU A 50 17.37 16.13 9.39
C GLU A 50 18.12 16.52 8.12
N GLU A 51 18.92 15.60 7.57
CA GLU A 51 19.66 15.88 6.35
C GLU A 51 18.72 16.27 5.22
N ILE A 52 17.63 15.51 5.03
CA ILE A 52 16.68 15.87 3.98
C ILE A 52 15.92 17.13 4.36
N ALA A 53 15.67 17.35 5.64
CA ALA A 53 14.96 18.56 6.06
C ALA A 53 15.77 19.81 5.74
N GLN A 54 17.09 19.68 5.64
CA GLN A 54 17.91 20.81 5.21
C GLN A 54 17.62 21.25 3.77
N PHE A 55 16.94 20.41 2.98
CA PHE A 55 16.64 20.73 1.59
C PHE A 55 15.15 20.81 1.28
N TYR A 56 14.29 20.20 2.08
CA TYR A 56 12.85 20.28 1.84
C TYR A 56 12.36 21.70 2.12
N PRO A 57 11.45 22.23 1.27
CA PRO A 57 10.84 21.61 0.10
C PRO A 57 11.42 22.09 -1.23
N ASP A 58 12.67 22.57 -1.22
CA ASP A 58 13.27 23.07 -2.46
C ASP A 58 13.44 21.95 -3.48
N GLU A 59 13.56 20.71 -3.03
CA GLU A 59 13.67 19.56 -3.92
C GLU A 59 12.63 18.52 -3.53
N SER A 60 12.34 17.63 -4.47
CA SER A 60 11.44 16.51 -4.24
C SER A 60 12.24 15.24 -4.00
N PHE A 61 11.80 14.43 -3.06
CA PHE A 61 12.53 13.24 -2.63
C PHE A 61 11.63 12.02 -2.64
N ILE A 62 12.18 10.91 -3.13
CA ILE A 62 11.54 9.60 -3.06
C ILE A 62 12.46 8.69 -2.27
N LEU A 63 11.97 8.17 -1.15
CA LEU A 63 12.75 7.28 -0.31
C LEU A 63 12.40 5.83 -0.63
N VAL A 64 13.40 4.96 -0.61
CA VAL A 64 13.20 3.52 -0.78
C VAL A 64 14.10 2.83 0.23
N HIS A 65 13.50 2.17 1.22
CA HIS A 65 14.25 1.51 2.27
C HIS A 65 14.16 -0.01 2.12
N GLY A 66 15.28 -0.68 2.39
CA GLY A 66 15.38 -2.10 2.19
C GLY A 66 14.63 -2.91 3.24
N GLY A 67 14.85 -4.23 3.19
CA GLY A 67 14.15 -5.11 4.10
C GLY A 67 14.66 -5.02 5.53
N GLY A 68 15.98 -5.09 5.69
CA GLY A 68 16.55 -5.02 7.03
C GLY A 68 16.23 -6.26 7.85
N SER A 69 16.05 -6.06 9.16
CA SER A 69 15.72 -7.14 10.08
C SER A 69 14.22 -7.36 10.22
N PHE A 70 13.44 -7.03 9.19
CA PHE A 70 12.00 -7.20 9.22
C PHE A 70 11.47 -8.08 8.10
N GLY A 71 11.89 -7.82 6.85
CA GLY A 71 11.44 -8.61 5.73
C GLY A 71 12.34 -9.77 5.39
N HIS A 72 13.59 -9.71 5.86
CA HIS A 72 14.53 -10.79 5.58
C HIS A 72 14.20 -12.07 6.34
N PRO A 73 14.00 -12.06 7.67
CA PRO A 73 13.74 -13.33 8.37
C PRO A 73 12.46 -14.02 7.95
N ASN A 74 11.54 -13.31 7.31
CA ASN A 74 10.30 -13.92 6.83
C ASN A 74 10.44 -14.44 5.40
N ALA A 75 10.99 -13.62 4.50
CA ALA A 75 11.15 -14.02 3.12
C ALA A 75 12.17 -15.16 2.99
N ARG A 76 13.24 -15.11 3.77
CA ARG A 76 14.23 -16.18 3.71
C ARG A 76 13.69 -17.48 4.28
N GLU A 77 12.73 -17.41 5.20
CA GLU A 77 12.07 -18.63 5.69
C GLU A 77 11.12 -19.17 4.62
N TYR A 78 10.09 -18.40 4.30
CA TYR A 78 9.04 -18.89 3.42
C TYR A 78 9.49 -19.11 1.98
N LYS A 79 10.74 -18.79 1.66
CA LYS A 79 11.31 -19.02 0.33
C LYS A 79 10.44 -18.41 -0.75
N ILE A 80 10.14 -17.12 -0.58
CA ILE A 80 9.31 -16.40 -1.55
C ILE A 80 10.01 -16.33 -2.90
N THR A 81 11.34 -16.33 -2.90
CA THR A 81 12.09 -16.30 -4.16
C THR A 81 11.90 -17.57 -4.98
N GLU A 82 11.53 -18.68 -4.35
CA GLU A 82 11.30 -19.92 -5.09
C GLU A 82 10.00 -19.88 -5.89
N GLY A 83 9.08 -18.99 -5.55
CA GLY A 83 7.84 -18.86 -6.27
C GLY A 83 6.71 -19.66 -5.64
N LEU A 84 5.63 -19.79 -6.43
CA LEU A 84 4.45 -20.52 -5.99
C LEU A 84 4.61 -22.01 -6.32
N VAL A 85 5.56 -22.63 -5.61
CA VAL A 85 5.86 -24.05 -5.77
C VAL A 85 5.74 -24.74 -4.42
N GLY A 86 5.55 -26.06 -4.48
CA GLY A 86 5.43 -26.85 -3.27
C GLY A 86 4.16 -26.58 -2.50
N ASP A 87 4.29 -26.15 -1.25
CA ASP A 87 3.13 -25.83 -0.41
C ASP A 87 2.70 -24.41 -0.73
N VAL A 88 1.80 -24.28 -1.72
CA VAL A 88 1.41 -22.97 -2.22
C VAL A 88 0.62 -22.19 -1.17
N ASP A 89 -0.18 -22.89 -0.35
CA ASP A 89 -0.97 -22.20 0.67
C ASP A 89 -0.07 -21.55 1.72
N ARG A 90 0.90 -22.31 2.23
CA ARG A 90 1.86 -21.75 3.17
C ARG A 90 2.67 -20.63 2.53
N LYS A 91 2.95 -20.74 1.22
CA LYS A 91 3.67 -19.67 0.54
C LYS A 91 2.84 -18.40 0.49
N ARG A 92 1.53 -18.52 0.26
CA ARG A 92 0.66 -17.33 0.26
C ARG A 92 0.59 -16.71 1.65
N ILE A 93 0.47 -17.55 2.68
CA ILE A 93 0.45 -17.04 4.05
C ILE A 93 1.74 -16.29 4.36
N GLY A 94 2.89 -16.87 3.99
CA GLY A 94 4.16 -16.20 4.23
C GLY A 94 4.32 -14.93 3.43
N PHE A 95 3.82 -14.92 2.20
CA PHE A 95 3.71 -13.71 1.40
C PHE A 95 3.05 -12.59 2.20
N SER A 96 1.86 -12.87 2.72
CA SER A 96 1.10 -11.84 3.44
C SER A 96 1.83 -11.42 4.72
N LYS A 97 2.40 -12.38 5.45
CA LYS A 97 3.09 -12.03 6.70
C LYS A 97 4.33 -11.20 6.45
N THR A 98 5.07 -11.50 5.39
CA THR A 98 6.23 -10.70 5.03
C THR A 98 5.82 -9.28 4.67
N HIS A 99 4.73 -9.14 3.90
CA HIS A 99 4.25 -7.80 3.58
C HIS A 99 3.86 -7.05 4.85
N GLN A 100 3.23 -7.73 5.81
CA GLN A 100 2.84 -7.06 7.05
C GLN A 100 4.05 -6.61 7.86
N ALA A 101 5.08 -7.44 7.93
CA ALA A 101 6.30 -7.05 8.65
C ALA A 101 6.97 -5.85 7.98
N MET A 102 7.03 -5.88 6.65
CA MET A 102 7.59 -4.73 5.93
C MET A 102 6.76 -3.47 6.20
N LEU A 103 5.43 -3.62 6.29
CA LEU A 103 4.59 -2.47 6.62
C LEU A 103 4.89 -1.95 8.02
N LYS A 104 5.16 -2.85 8.97
CA LYS A 104 5.52 -2.41 10.32
C LYS A 104 6.81 -1.59 10.31
N LEU A 105 7.84 -2.09 9.62
CA LEU A 105 9.10 -1.36 9.54
C LEU A 105 8.91 -0.01 8.84
N ASN A 106 8.11 0.01 7.77
CA ASN A 106 7.82 1.25 7.08
C ASN A 106 7.09 2.23 7.98
N ASP A 107 6.20 1.73 8.83
CA ASP A 107 5.50 2.60 9.78
C ASP A 107 6.49 3.21 10.76
N LEU A 108 7.43 2.41 11.27
CA LEU A 108 8.46 2.98 12.14
C LEU A 108 9.23 4.09 11.45
N ILE A 109 9.69 3.84 10.22
CA ILE A 109 10.49 4.83 9.49
C ILE A 109 9.67 6.10 9.24
N ILE A 110 8.41 5.94 8.84
CA ILE A 110 7.58 7.09 8.50
C ILE A 110 7.21 7.89 9.74
N GLN A 111 7.01 7.23 10.88
CA GLN A 111 6.77 7.98 12.11
C GLN A 111 8.01 8.77 12.51
N THR A 112 9.19 8.15 12.38
CA THR A 112 10.43 8.88 12.64
C THR A 112 10.53 10.11 11.75
N PHE A 113 10.18 9.97 10.47
CA PHE A 113 10.24 11.11 9.56
C PHE A 113 9.19 12.16 9.87
N LEU A 114 8.03 11.73 10.37
CA LEU A 114 6.96 12.68 10.68
C LEU A 114 7.31 13.51 11.92
N GLU A 115 7.95 12.89 12.90
CA GLU A 115 8.34 13.63 14.10
C GLU A 115 9.32 14.75 13.80
N LYS A 116 10.09 14.65 12.71
CA LYS A 116 11.04 15.67 12.31
C LYS A 116 10.41 16.76 11.45
N GLY A 117 9.08 16.72 11.27
CA GLY A 117 8.39 17.72 10.49
C GLY A 117 8.26 17.42 9.01
N LEU A 118 8.88 16.36 8.52
CA LEU A 118 8.80 16.02 7.10
C LEU A 118 7.56 15.18 6.82
N PRO A 119 6.81 15.49 5.76
CA PRO A 119 5.61 14.73 5.41
C PRO A 119 5.88 13.52 4.52
N ALA A 120 6.29 12.42 5.16
CA ALA A 120 6.53 11.16 4.46
C ALA A 120 5.25 10.35 4.40
N TYR A 121 4.97 9.77 3.23
CA TYR A 121 3.74 9.04 3.00
C TYR A 121 4.06 7.64 2.48
N SER A 122 3.31 6.65 2.98
CA SER A 122 3.54 5.25 2.63
C SER A 122 2.96 4.93 1.26
N VAL A 123 3.73 4.18 0.47
CA VAL A 123 3.29 3.67 -0.82
C VAL A 123 3.67 2.20 -0.87
N SER A 124 2.68 1.32 -0.83
CA SER A 124 2.93 -0.11 -0.87
C SER A 124 3.46 -0.50 -2.24
N SER A 125 4.68 -1.03 -2.27
CA SER A 125 5.30 -1.39 -3.54
C SER A 125 4.54 -2.53 -4.23
N SER A 126 4.03 -3.48 -3.45
CA SER A 126 3.30 -4.60 -4.03
C SER A 126 1.93 -4.19 -4.58
N SER A 127 1.51 -2.95 -4.37
CA SER A 127 0.22 -2.49 -4.84
C SER A 127 0.27 -1.82 -6.20
N ILE A 128 1.47 -1.55 -6.74
CA ILE A 128 1.59 -0.79 -7.98
C ILE A 128 2.55 -1.48 -8.94
N PHE A 129 3.29 -2.47 -8.46
CA PHE A 129 4.36 -3.09 -9.23
C PHE A 129 4.09 -4.56 -9.47
N LEU A 130 4.40 -5.01 -10.69
CA LEU A 130 4.36 -6.42 -11.05
C LEU A 130 5.75 -6.85 -11.50
N LEU A 131 6.07 -8.12 -11.27
CA LEU A 131 7.44 -8.62 -11.46
C LEU A 131 7.50 -9.69 -12.54
N GLU A 132 8.67 -9.80 -13.15
CA GLU A 132 9.02 -10.92 -13.99
C GLU A 132 10.54 -10.94 -14.16
N ASN A 133 11.16 -12.08 -13.86
CA ASN A 133 12.62 -12.23 -13.89
C ASN A 133 13.29 -11.20 -12.98
N LYS A 134 12.75 -11.07 -11.77
CA LYS A 134 13.29 -10.17 -10.75
C LYS A 134 13.33 -8.72 -11.23
N GLU A 135 12.40 -8.34 -12.09
CA GLU A 135 12.38 -6.99 -12.66
C GLU A 135 10.94 -6.52 -12.82
N VAL A 136 10.76 -5.21 -12.67
CA VAL A 136 9.43 -4.61 -12.80
C VAL A 136 9.09 -4.51 -14.28
N VAL A 137 8.04 -5.24 -14.69
CA VAL A 137 7.52 -5.17 -16.05
C VAL A 137 6.19 -4.44 -16.13
N TYR A 138 5.68 -3.96 -15.00
CA TYR A 138 4.41 -3.23 -14.96
C TYR A 138 4.41 -2.36 -13.70
N GLY A 139 4.11 -1.07 -13.87
CA GLY A 139 4.14 -0.15 -12.77
C GLY A 139 3.02 0.87 -12.86
N GLU A 140 2.72 1.49 -11.73
CA GLU A 140 1.75 2.57 -11.63
C GLU A 140 2.38 3.70 -10.83
N LEU A 141 2.54 4.86 -11.47
CA LEU A 141 3.28 5.96 -10.87
C LEU A 141 2.50 7.26 -10.82
N GLU A 142 1.22 7.25 -11.18
CA GLU A 142 0.43 8.48 -11.14
C GLU A 142 0.25 8.98 -9.72
N ILE A 143 0.00 8.06 -8.77
CA ILE A 143 -0.13 8.46 -7.37
C ILE A 143 1.19 9.00 -6.85
N LEU A 144 2.30 8.37 -7.24
CA LEU A 144 3.62 8.89 -6.87
C LEU A 144 3.84 10.29 -7.43
N ARG A 145 3.44 10.50 -8.69
CA ARG A 145 3.58 11.82 -9.30
C ARG A 145 2.77 12.86 -8.56
N LYS A 146 1.51 12.54 -8.24
CA LYS A 146 0.66 13.49 -7.52
C LYS A 146 1.18 13.76 -6.11
N LEU A 147 1.76 12.74 -5.46
CA LEU A 147 2.36 12.95 -4.15
C LEU A 147 3.56 13.89 -4.25
N LEU A 148 4.42 13.68 -5.25
CA LEU A 148 5.56 14.57 -5.43
C LEU A 148 5.12 15.99 -5.80
N GLU A 149 4.01 16.12 -6.50
CA GLU A 149 3.53 17.45 -6.90
C GLU A 149 2.99 18.22 -5.71
N LEU A 150 2.35 17.53 -4.76
CA LEU A 150 1.77 18.15 -3.59
C LEU A 150 2.77 18.29 -2.44
N LYS A 151 4.07 18.25 -2.74
CA LYS A 151 5.13 18.40 -1.74
C LYS A 151 5.04 17.32 -0.66
N PHE A 152 4.95 16.06 -1.11
CA PHE A 152 5.00 14.91 -0.22
C PHE A 152 6.29 14.14 -0.47
N ILE A 153 6.65 13.30 0.50
CA ILE A 153 7.82 12.44 0.37
C ILE A 153 7.35 11.00 0.32
N PRO A 154 7.20 10.41 -0.86
CA PRO A 154 6.77 9.00 -0.93
C PRO A 154 7.89 8.07 -0.48
N VAL A 155 7.53 7.10 0.36
CA VAL A 155 8.47 6.13 0.92
C VAL A 155 8.03 4.74 0.49
N LEU A 156 8.87 4.08 -0.30
CA LEU A 156 8.66 2.70 -0.75
C LEU A 156 9.67 1.79 -0.05
N PHE A 157 9.46 0.49 -0.22
CA PHE A 157 10.30 -0.49 0.44
C PHE A 157 10.41 -1.75 -0.39
N GLY A 158 11.55 -2.43 -0.24
CA GLY A 158 11.70 -3.76 -0.80
C GLY A 158 10.63 -4.67 -0.23
N ASP A 159 9.81 -5.25 -1.09
CA ASP A 159 8.55 -5.84 -0.64
C ASP A 159 8.30 -7.12 -1.42
N THR A 160 7.45 -7.97 -0.85
CA THR A 160 6.87 -9.06 -1.62
C THR A 160 6.18 -8.50 -2.85
N ALA A 161 6.09 -9.31 -3.91
CA ALA A 161 5.50 -8.82 -5.14
C ALA A 161 4.94 -9.98 -5.94
N ILE A 162 3.92 -9.68 -6.74
CA ILE A 162 3.31 -10.67 -7.62
C ILE A 162 4.17 -10.77 -8.88
N ALA A 163 4.76 -11.94 -9.09
CA ALA A 163 5.62 -12.19 -10.25
C ALA A 163 4.83 -12.93 -11.32
N LEU A 164 4.89 -12.41 -12.55
CA LEU A 164 4.12 -13.00 -13.64
C LEU A 164 4.63 -14.38 -14.05
N ASP A 165 5.85 -14.74 -13.66
CA ASP A 165 6.44 -16.01 -14.06
C ASP A 165 6.29 -17.09 -12.98
N LYS A 166 6.67 -16.78 -11.74
CA LYS A 166 6.66 -17.75 -10.66
C LYS A 166 5.59 -17.46 -9.60
N GLY A 167 4.62 -16.61 -9.91
CA GLY A 167 3.56 -16.34 -8.97
C GLY A 167 3.92 -15.28 -7.95
N ILE A 168 4.86 -15.58 -7.06
CA ILE A 168 5.30 -14.66 -6.04
C ILE A 168 6.81 -14.49 -6.14
N ASP A 169 7.30 -13.34 -5.68
CA ASP A 169 8.73 -13.06 -5.70
C ASP A 169 9.02 -11.94 -4.70
N ILE A 170 10.29 -11.59 -4.56
CA ILE A 170 10.74 -10.54 -3.67
C ILE A 170 11.32 -9.41 -4.52
N LEU A 171 10.61 -8.28 -4.55
CA LEU A 171 11.06 -7.10 -5.28
C LEU A 171 11.98 -6.29 -4.37
N SER A 172 13.25 -6.22 -4.73
CA SER A 172 14.22 -5.47 -3.95
C SER A 172 14.12 -3.98 -4.24
N GLY A 173 14.70 -3.18 -3.34
CA GLY A 173 14.69 -1.74 -3.53
C GLY A 173 15.51 -1.30 -4.72
N ASP A 174 16.52 -2.08 -5.10
CA ASP A 174 17.34 -1.75 -6.26
C ASP A 174 16.51 -1.75 -7.54
N GLN A 175 15.68 -2.79 -7.72
CA GLN A 175 14.80 -2.83 -8.89
C GLN A 175 13.78 -1.70 -8.85
N ILE A 176 13.30 -1.35 -7.65
CA ILE A 176 12.36 -0.25 -7.50
C ILE A 176 12.99 1.05 -7.99
N VAL A 177 14.19 1.36 -7.49
CA VAL A 177 14.83 2.62 -7.89
C VAL A 177 15.26 2.57 -9.34
N SER A 178 15.56 1.39 -9.89
CA SER A 178 15.88 1.29 -11.30
C SER A 178 14.67 1.64 -12.16
N TYR A 179 13.51 1.05 -11.86
CA TYR A 179 12.30 1.36 -12.59
C TYR A 179 11.93 2.84 -12.44
N LEU A 180 12.04 3.36 -11.22
CA LEU A 180 11.69 4.77 -10.99
C LEU A 180 12.66 5.72 -11.69
N ALA A 181 13.92 5.31 -11.86
CA ALA A 181 14.86 6.15 -12.59
C ALA A 181 14.60 6.08 -14.08
N LYS A 182 14.27 4.90 -14.60
CA LYS A 182 13.92 4.79 -16.01
C LYS A 182 12.67 5.58 -16.34
N MET A 183 11.73 5.67 -15.40
CA MET A 183 10.45 6.31 -15.67
C MET A 183 10.46 7.80 -15.35
N LEU A 184 10.66 8.16 -14.08
CA LEU A 184 10.58 9.55 -13.66
C LEU A 184 11.83 10.35 -14.00
N LYS A 185 12.97 9.69 -14.19
CA LYS A 185 14.24 10.32 -14.51
C LYS A 185 14.60 11.40 -13.49
N PRO A 186 15.03 11.02 -12.30
CA PRO A 186 15.39 12.01 -11.27
C PRO A 186 16.73 12.66 -11.58
N SER A 187 17.04 13.69 -10.79
CA SER A 187 18.32 14.38 -10.95
C SER A 187 19.48 13.51 -10.51
N LYS A 188 19.33 12.79 -9.39
CA LYS A 188 20.38 11.91 -8.91
C LYS A 188 19.76 10.86 -8.00
N VAL A 189 20.47 9.74 -7.89
CA VAL A 189 20.06 8.62 -7.05
C VAL A 189 21.20 8.32 -6.07
N ILE A 190 20.90 8.42 -4.78
CA ILE A 190 21.90 8.30 -3.72
C ILE A 190 21.64 7.00 -2.96
N PHE A 191 22.63 6.11 -2.95
CA PHE A 191 22.56 4.84 -2.24
C PHE A 191 23.28 4.97 -0.91
N LEU A 192 22.55 4.78 0.18
CA LEU A 192 23.13 4.76 1.53
C LEU A 192 23.48 3.31 1.88
N MET A 193 24.77 3.04 2.05
CA MET A 193 25.26 1.69 2.33
C MET A 193 26.01 1.67 3.65
N ASP A 194 26.37 0.46 4.08
CA ASP A 194 27.16 0.30 5.30
C ASP A 194 28.61 0.72 5.09
N VAL A 195 29.07 0.78 3.85
CA VAL A 195 30.44 1.17 3.55
C VAL A 195 30.43 2.59 3.01
N ASP A 196 31.62 3.19 2.88
CA ASP A 196 31.74 4.54 2.37
C ASP A 196 31.45 4.66 0.88
N GLY A 197 31.31 3.54 0.19
CA GLY A 197 31.03 3.56 -1.24
C GLY A 197 31.47 2.26 -1.89
N ILE A 198 31.95 2.38 -3.13
CA ILE A 198 32.40 1.24 -3.93
C ILE A 198 33.91 1.15 -3.81
N TYR A 199 34.41 -0.04 -3.47
CA TYR A 199 35.83 -0.31 -3.35
C TYR A 199 36.29 -1.17 -4.51
N ASP A 200 37.59 -1.14 -4.78
CA ASP A 200 38.17 -1.96 -5.86
C ASP A 200 38.10 -3.45 -5.55
N ARG A 201 37.81 -3.83 -4.32
CA ARG A 201 37.62 -5.23 -3.95
C ARG A 201 36.73 -5.28 -2.71
N ASN A 202 36.77 -6.38 -2.00
CA ASN A 202 35.98 -6.51 -0.78
C ASN A 202 36.55 -5.59 0.29
N PRO A 203 35.75 -4.71 0.89
CA PRO A 203 36.26 -3.90 1.99
C PRO A 203 36.75 -4.72 3.17
N LYS A 204 36.24 -5.95 3.32
CA LYS A 204 36.77 -6.84 4.36
C LYS A 204 38.23 -7.16 4.12
N GLU A 205 38.63 -7.30 2.86
CA GLU A 205 40.03 -7.51 2.54
C GLU A 205 40.85 -6.28 2.89
N ARG A 206 42.06 -6.50 3.37
CA ARG A 206 42.92 -5.38 3.77
C ARG A 206 43.39 -4.61 2.53
N ASP A 207 44.01 -3.46 2.79
CA ASP A 207 44.49 -2.55 1.76
C ASP A 207 43.38 -2.05 0.85
N ALA A 208 42.14 -2.07 1.34
CA ALA A 208 41.00 -1.68 0.51
C ALA A 208 41.03 -0.19 0.21
N LYS A 209 40.87 0.16 -1.06
CA LYS A 209 40.86 1.54 -1.51
C LYS A 209 39.47 1.89 -2.05
N LEU A 210 39.00 3.08 -1.70
CA LEU A 210 37.67 3.53 -2.11
C LEU A 210 37.75 4.24 -3.45
N ILE A 211 36.90 3.83 -4.38
CA ILE A 211 36.85 4.44 -5.71
C ILE A 211 36.06 5.74 -5.61
N GLU A 212 36.73 6.86 -5.93
CA GLU A 212 36.08 8.17 -5.87
C GLU A 212 35.16 8.39 -7.07
N GLU A 213 35.71 8.27 -8.28
CA GLU A 213 34.95 8.46 -9.51
C GLU A 213 34.79 7.08 -10.18
N LEU A 214 33.55 6.61 -10.24
CA LEU A 214 33.26 5.30 -10.81
C LEU A 214 32.89 5.44 -12.28
N ASN A 215 33.32 4.47 -13.10
CA ASN A 215 32.99 4.42 -14.51
C ASN A 215 32.61 2.99 -14.88
N VAL A 216 32.28 2.79 -16.15
CA VAL A 216 31.70 1.51 -16.57
C VAL A 216 32.76 0.41 -16.64
N GLU A 217 34.03 0.76 -16.86
CA GLU A 217 35.07 -0.25 -17.00
C GLU A 217 35.37 -0.91 -15.65
N GLU A 218 35.54 -0.10 -14.61
CA GLU A 218 35.74 -0.64 -13.27
C GLU A 218 34.54 -1.47 -12.85
N ILE A 219 33.33 -1.03 -13.19
CA ILE A 219 32.14 -1.81 -12.87
C ILE A 219 32.16 -3.15 -13.59
N ARG A 220 32.61 -3.15 -14.85
CA ARG A 220 32.74 -4.40 -15.60
C ARG A 220 33.70 -5.35 -14.89
N HIS A 221 34.85 -4.84 -14.46
CA HIS A 221 35.80 -5.70 -13.75
C HIS A 221 35.20 -6.23 -12.46
N LEU A 222 34.63 -5.35 -11.63
CA LEU A 222 34.08 -5.78 -10.35
C LEU A 222 32.94 -6.77 -10.53
N LEU A 223 32.20 -6.69 -11.64
CA LEU A 223 31.11 -7.62 -11.87
C LEU A 223 31.61 -8.97 -12.40
N GLU A 224 32.64 -8.95 -13.25
CA GLU A 224 33.12 -10.19 -13.85
C GLU A 224 33.80 -11.11 -12.84
N SER A 225 34.22 -10.59 -11.69
CA SER A 225 34.89 -11.40 -10.69
C SER A 225 33.94 -11.74 -9.54
N GLY A 236 23.53 -9.16 -4.19
CA GLY A 236 24.28 -8.34 -3.26
C GLY A 236 24.89 -7.11 -3.91
N ILE A 237 26.21 -7.00 -3.84
CA ILE A 237 26.89 -5.86 -4.45
C ILE A 237 26.82 -5.95 -5.96
N GLY A 238 26.89 -7.16 -6.51
CA GLY A 238 26.80 -7.31 -7.96
C GLY A 238 25.44 -6.89 -8.50
N ASN A 239 24.38 -7.18 -7.76
CA ASN A 239 23.05 -6.72 -8.17
C ASN A 239 22.97 -5.20 -8.17
N LYS A 240 23.54 -4.56 -7.14
CA LYS A 240 23.53 -3.11 -7.10
C LYS A 240 24.33 -2.51 -8.24
N LEU A 241 25.45 -3.14 -8.60
CA LEU A 241 26.23 -2.66 -9.75
C LEU A 241 25.45 -2.82 -11.05
N ARG A 242 24.80 -3.97 -11.21
CA ARG A 242 23.98 -4.20 -12.41
C ARG A 242 22.88 -3.14 -12.53
N GLU A 243 22.23 -2.81 -11.41
CA GLU A 243 21.15 -1.82 -11.47
C GLU A 243 21.70 -0.41 -11.63
N ALA A 244 22.85 -0.10 -11.04
CA ALA A 244 23.44 1.21 -11.20
C ALA A 244 23.91 1.45 -12.63
N LEU A 245 24.34 0.39 -13.32
CA LEU A 245 24.70 0.54 -14.72
C LEU A 245 23.51 0.98 -15.55
N LYS A 246 22.31 0.52 -15.21
CA LYS A 246 21.11 0.94 -15.91
C LYS A 246 20.62 2.32 -15.45
N ILE A 247 20.79 2.63 -14.17
CA ILE A 247 20.36 3.93 -13.67
C ILE A 247 21.25 5.05 -14.19
N ALA A 248 22.53 4.75 -14.46
CA ALA A 248 23.47 5.76 -14.94
C ALA A 248 23.06 6.37 -16.27
N LYS A 249 22.29 5.66 -17.09
CA LYS A 249 21.84 6.22 -18.36
C LYS A 249 20.82 7.33 -18.16
N HIS A 250 20.20 7.43 -16.99
CA HIS A 250 19.17 8.42 -16.74
C HIS A 250 19.53 9.42 -15.64
N SER A 251 20.29 9.01 -14.62
CA SER A 251 20.61 9.89 -13.51
C SER A 251 22.02 9.63 -13.02
N GLU A 252 22.56 10.60 -12.29
CA GLU A 252 23.87 10.46 -11.67
C GLU A 252 23.73 9.69 -10.36
N VAL A 253 24.60 8.71 -10.16
CA VAL A 253 24.50 7.81 -9.02
C VAL A 253 25.55 8.20 -7.98
N TYR A 254 25.19 8.05 -6.71
CA TYR A 254 26.09 8.25 -5.59
C TYR A 254 26.04 7.03 -4.69
N PHE A 255 27.17 6.66 -4.11
CA PHE A 255 27.26 5.60 -3.12
C PHE A 255 27.96 6.18 -1.90
N ILE A 256 27.22 6.40 -0.82
CA ILE A 256 27.77 6.99 0.39
C ILE A 256 27.43 6.14 1.59
N ASN A 257 28.06 6.48 2.72
CA ASN A 257 27.82 5.79 3.99
C ASN A 257 26.57 6.37 4.63
N GLY A 258 25.58 5.50 4.87
CA GLY A 258 24.33 5.97 5.45
C GLY A 258 24.45 6.32 6.93
N LYS A 259 25.42 5.72 7.63
CA LYS A 259 25.61 5.97 9.04
C LYS A 259 26.33 7.29 9.33
N VAL A 260 26.59 8.10 8.29
CA VAL A 260 27.23 9.40 8.44
C VAL A 260 26.27 10.46 7.93
N LYS A 261 25.98 11.46 8.78
CA LYS A 261 24.99 12.49 8.50
C LYS A 261 25.30 13.28 7.25
N GLU A 262 26.26 14.21 7.36
CA GLU A 262 26.59 15.15 6.30
C GLU A 262 26.80 14.48 4.95
N ASN A 263 27.15 13.20 4.94
CA ASN A 263 27.36 12.49 3.68
C ASN A 263 26.18 12.65 2.74
N LEU A 264 24.96 12.69 3.30
CA LEU A 264 23.78 12.90 2.47
C LEU A 264 23.81 14.28 1.85
N GLY A 265 23.99 15.32 2.67
CA GLY A 265 23.96 16.68 2.14
C GLY A 265 25.01 16.91 1.06
N LYS A 266 26.25 16.49 1.33
CA LYS A 266 27.29 16.61 0.32
C LYS A 266 26.93 15.85 -0.95
N ALA A 267 26.18 14.77 -0.83
CA ALA A 267 25.72 14.04 -2.01
C ALA A 267 24.61 14.78 -2.74
N ILE A 268 23.78 15.53 -2.02
CA ILE A 268 22.70 16.27 -2.65
C ILE A 268 23.25 17.53 -3.31
N ARG A 269 24.22 18.19 -2.67
CA ARG A 269 24.84 19.39 -3.22
C ARG A 269 25.87 19.09 -4.30
N GLY A 270 26.04 17.83 -4.68
CA GLY A 270 26.98 17.47 -5.72
C GLY A 270 28.44 17.52 -5.31
N GLU A 271 28.74 17.66 -4.03
CA GLU A 271 30.11 17.71 -3.57
C GLU A 271 30.73 16.32 -3.58
N LYS A 272 32.05 16.28 -3.48
CA LYS A 272 32.78 15.02 -3.53
C LYS A 272 32.60 14.26 -2.22
N VAL A 273 31.98 13.08 -2.30
CA VAL A 273 31.76 12.24 -1.13
C VAL A 273 31.48 10.81 -1.59
N GLY A 274 32.21 9.85 -1.01
CA GLY A 274 31.98 8.45 -1.36
C GLY A 274 32.33 8.16 -2.80
N THR A 275 31.54 7.30 -3.42
CA THR A 275 31.72 6.91 -4.81
C THR A 275 30.71 7.65 -5.68
N ARG A 276 31.19 8.21 -6.80
CA ARG A 276 30.36 9.00 -7.69
C ARG A 276 30.37 8.38 -9.08
N LEU A 277 29.17 8.05 -9.59
CA LEU A 277 29.00 7.48 -10.93
C LEU A 277 28.31 8.54 -11.78
N ARG A 278 29.07 9.15 -12.70
CA ARG A 278 28.52 10.18 -13.55
C ARG A 278 27.48 9.60 -14.52
N LYS A 279 26.63 10.48 -15.04
CA LYS A 279 25.64 10.07 -16.01
C LYS A 279 26.33 9.64 -17.30
N LEU A 280 25.82 8.56 -17.90
CA LEU A 280 26.44 8.01 -19.10
C LEU A 280 26.27 8.95 -20.29
N GLU A 281 27.19 8.85 -21.23
CA GLU A 281 27.16 9.69 -22.43
C GLU A 281 27.70 8.94 -23.64
N SER B 19 -17.68 -14.56 -14.08
CA SER B 19 -16.76 -13.88 -13.18
C SER B 19 -17.07 -14.21 -11.72
N HIS B 20 -16.56 -15.35 -11.25
CA HIS B 20 -16.78 -15.77 -9.87
C HIS B 20 -16.04 -14.85 -8.91
N MET B 21 -16.67 -13.73 -8.55
CA MET B 21 -16.05 -12.76 -7.66
C MET B 21 -17.14 -12.05 -6.87
N ILE B 22 -16.90 -11.86 -5.58
CA ILE B 22 -17.85 -11.21 -4.68
C ILE B 22 -17.09 -10.19 -3.86
N ILE B 23 -17.63 -8.97 -3.75
CA ILE B 23 -17.03 -7.92 -2.95
C ILE B 23 -17.78 -7.85 -1.62
N ILE B 24 -17.02 -7.72 -0.53
CA ILE B 24 -17.57 -7.70 0.82
C ILE B 24 -17.10 -6.43 1.52
N LYS B 25 -18.04 -5.59 1.93
CA LYS B 25 -17.74 -4.34 2.61
C LYS B 25 -17.97 -4.52 4.12
N LEU B 26 -16.89 -4.59 4.87
CA LEU B 26 -16.94 -4.64 6.32
C LEU B 26 -17.16 -3.23 6.87
N GLY B 27 -18.25 -3.03 7.60
CA GLY B 27 -18.53 -1.73 8.17
C GLY B 27 -17.51 -1.33 9.23
N GLY B 28 -17.54 -0.03 9.55
CA GLY B 28 -16.64 0.47 10.57
C GLY B 28 -17.09 0.16 11.99
N SER B 29 -18.40 0.01 12.19
CA SER B 29 -18.93 -0.28 13.51
C SER B 29 -18.96 -1.78 13.83
N VAL B 30 -18.82 -2.63 12.82
CA VAL B 30 -18.76 -4.07 13.07
C VAL B 30 -17.35 -4.55 13.36
N ILE B 31 -16.32 -3.77 13.02
CA ILE B 31 -14.95 -4.11 13.34
C ILE B 31 -14.43 -3.39 14.57
N SER B 32 -14.99 -2.23 14.90
CA SER B 32 -14.55 -1.49 16.09
C SER B 32 -15.68 -0.57 16.53
N ASP B 33 -15.34 0.51 17.22
CA ASP B 33 -16.34 1.47 17.68
C ASP B 33 -15.95 2.90 17.29
N SER B 39 -11.46 -0.19 19.58
CA SER B 39 -11.28 -1.54 20.09
C SER B 39 -11.60 -2.57 19.03
N PHE B 40 -10.64 -3.46 18.75
CA PHE B 40 -10.79 -4.45 17.70
C PHE B 40 -11.80 -5.52 18.10
N HIS B 41 -12.62 -5.94 17.13
CA HIS B 41 -13.60 -7.00 17.33
C HIS B 41 -13.05 -8.27 16.68
N ARG B 42 -12.21 -8.97 17.44
CA ARG B 42 -11.49 -10.11 16.89
C ARG B 42 -12.42 -11.28 16.57
N HIS B 43 -13.36 -11.57 17.48
CA HIS B 43 -14.28 -12.68 17.26
C HIS B 43 -15.14 -12.46 16.02
N ILE B 44 -15.55 -11.22 15.79
CA ILE B 44 -16.33 -10.89 14.59
C ILE B 44 -15.54 -11.26 13.34
N VAL B 45 -14.35 -10.66 13.18
CA VAL B 45 -13.51 -10.92 12.01
C VAL B 45 -13.23 -12.41 11.88
N GLU B 46 -13.09 -13.12 13.00
CA GLU B 46 -12.96 -14.57 12.95
C GLU B 46 -14.19 -15.20 12.31
N GLN B 47 -15.37 -14.68 12.63
CA GLN B 47 -16.60 -15.21 12.04
C GLN B 47 -16.65 -14.98 10.53
N ILE B 48 -16.33 -13.76 10.08
CA ILE B 48 -16.33 -13.53 8.63
C ILE B 48 -15.27 -14.39 7.94
N ALA B 49 -14.12 -14.58 8.59
CA ALA B 49 -13.09 -15.44 7.98
C ALA B 49 -13.57 -16.88 7.87
N GLU B 50 -14.22 -17.39 8.92
CA GLU B 50 -14.74 -18.75 8.88
C GLU B 50 -15.80 -18.91 7.80
N GLU B 51 -16.65 -17.89 7.61
CA GLU B 51 -17.67 -17.97 6.58
C GLU B 51 -17.06 -17.89 5.18
N ILE B 52 -16.01 -17.09 5.02
CA ILE B 52 -15.37 -16.97 3.71
C ILE B 52 -14.63 -18.25 3.36
N ALA B 53 -14.08 -18.94 4.37
CA ALA B 53 -13.36 -20.18 4.12
C ALA B 53 -14.24 -21.25 3.48
N GLN B 54 -15.56 -21.11 3.53
CA GLN B 54 -16.46 -22.08 2.93
C GLN B 54 -16.44 -22.02 1.41
N PHE B 55 -15.99 -20.92 0.81
CA PHE B 55 -15.99 -20.75 -0.63
C PHE B 55 -14.61 -20.54 -1.23
N TYR B 56 -13.60 -20.28 -0.41
CA TYR B 56 -12.24 -20.20 -0.91
C TYR B 56 -11.74 -21.61 -1.28
N PRO B 57 -10.98 -21.74 -2.38
CA PRO B 57 -10.56 -20.69 -3.31
C PRO B 57 -11.32 -20.71 -4.64
N ASP B 58 -12.42 -21.44 -4.71
CA ASP B 58 -13.17 -21.53 -5.96
C ASP B 58 -13.77 -20.19 -6.35
N GLU B 59 -14.20 -19.40 -5.37
CA GLU B 59 -14.77 -18.08 -5.60
C GLU B 59 -13.80 -17.01 -5.14
N SER B 60 -13.58 -16.00 -5.98
CA SER B 60 -12.71 -14.90 -5.63
C SER B 60 -13.44 -13.90 -4.74
N PHE B 61 -12.68 -13.23 -3.88
CA PHE B 61 -13.25 -12.32 -2.91
C PHE B 61 -12.35 -11.10 -2.74
N ILE B 62 -12.98 -9.93 -2.65
CA ILE B 62 -12.33 -8.69 -2.28
C ILE B 62 -13.03 -8.13 -1.05
N LEU B 63 -12.25 -7.63 -0.09
CA LEU B 63 -12.83 -7.02 1.10
C LEU B 63 -12.41 -5.57 1.20
N VAL B 64 -13.30 -4.74 1.75
CA VAL B 64 -13.02 -3.34 2.02
C VAL B 64 -13.55 -3.02 3.41
N HIS B 65 -12.68 -2.53 4.29
CA HIS B 65 -13.06 -2.20 5.65
C HIS B 65 -12.87 -0.72 5.94
N GLY B 66 -13.78 -0.16 6.74
CA GLY B 66 -13.76 1.25 7.07
C GLY B 66 -12.97 1.55 8.32
N GLY B 67 -13.18 2.76 8.84
CA GLY B 67 -12.49 3.19 10.03
C GLY B 67 -13.30 2.97 11.30
N GLY B 68 -12.58 2.85 12.41
CA GLY B 68 -13.19 2.64 13.71
C GLY B 68 -12.17 2.67 14.82
N SER B 69 -12.18 3.74 15.63
CA SER B 69 -11.17 3.96 16.67
C SER B 69 -9.75 3.97 16.08
N PHE B 70 -9.64 4.33 14.81
CA PHE B 70 -8.36 4.32 14.10
C PHE B 70 -8.32 5.40 13.03
N GLY B 71 -9.28 5.36 12.10
CA GLY B 71 -9.29 6.28 10.98
C GLY B 71 -10.10 7.54 11.20
N HIS B 72 -11.30 7.39 11.78
CA HIS B 72 -12.16 8.54 12.01
C HIS B 72 -11.57 9.56 12.99
N PRO B 73 -10.98 9.16 14.15
CA PRO B 73 -10.37 10.16 15.04
C PRO B 73 -9.35 11.06 14.34
N ASN B 74 -8.33 10.45 13.73
CA ASN B 74 -7.31 11.25 13.05
C ASN B 74 -7.82 11.91 11.79
N ALA B 75 -8.88 11.38 11.18
CA ALA B 75 -9.42 11.98 9.97
C ALA B 75 -10.16 13.27 10.27
N ARG B 76 -10.92 13.29 11.36
CA ARG B 76 -11.63 14.50 11.76
C ARG B 76 -10.82 15.40 12.68
N GLU B 77 -9.69 14.92 13.20
CA GLU B 77 -8.85 15.75 14.05
C GLU B 77 -8.01 16.72 13.21
N TYR B 78 -7.48 16.26 12.09
CA TYR B 78 -6.68 17.11 11.21
C TYR B 78 -7.48 17.73 10.09
N LYS B 79 -8.80 17.53 10.07
CA LYS B 79 -9.70 18.09 9.06
C LYS B 79 -9.22 17.75 7.65
N ILE B 80 -9.11 16.45 7.39
CA ILE B 80 -8.62 15.99 6.09
C ILE B 80 -9.63 16.33 4.99
N THR B 81 -10.92 16.26 5.29
CA THR B 81 -11.94 16.59 4.30
C THR B 81 -11.92 18.07 3.92
N GLU B 82 -11.27 18.92 4.72
CA GLU B 82 -11.19 20.33 4.39
C GLU B 82 -10.29 20.58 3.19
N GLY B 83 -9.32 19.70 2.96
CA GLY B 83 -8.39 19.87 1.85
C GLY B 83 -7.12 20.57 2.28
N LEU B 84 -6.23 20.77 1.29
CA LEU B 84 -4.95 21.42 1.53
C LEU B 84 -5.15 22.94 1.60
N VAL B 85 -5.75 23.38 2.71
CA VAL B 85 -6.02 24.78 2.95
C VAL B 85 -5.62 25.12 4.37
N GLY B 86 -5.31 26.40 4.59
CA GLY B 86 -4.87 26.87 5.89
C GLY B 86 -3.45 26.44 6.21
N ASP B 87 -3.28 25.66 7.28
CA ASP B 87 -1.97 25.15 7.67
C ASP B 87 -1.72 23.87 6.89
N VAL B 88 -1.05 24.01 5.73
CA VAL B 88 -0.88 22.88 4.83
C VAL B 88 0.12 21.87 5.39
N ASP B 89 1.14 22.33 6.11
CA ASP B 89 2.14 21.41 6.64
C ASP B 89 1.54 20.46 7.66
N ARG B 90 0.78 21.02 8.62
CA ARG B 90 0.09 20.18 9.60
C ARG B 90 -0.91 19.25 8.92
N LYS B 91 -1.55 19.72 7.85
CA LYS B 91 -2.50 18.88 7.14
C LYS B 91 -1.81 17.69 6.48
N ARG B 92 -0.64 17.91 5.88
CA ARG B 92 0.11 16.80 5.29
C ARG B 92 0.58 15.82 6.35
N ILE B 93 1.07 16.34 7.48
CA ILE B 93 1.53 15.47 8.56
C ILE B 93 0.38 14.63 9.09
N GLY B 94 -0.79 15.24 9.28
CA GLY B 94 -1.95 14.48 9.73
C GLY B 94 -2.46 13.51 8.69
N PHE B 95 -2.34 13.86 7.41
CA PHE B 95 -2.61 12.92 6.33
C PHE B 95 -1.82 11.64 6.51
N SER B 96 -0.49 11.78 6.65
CA SER B 96 0.36 10.61 6.84
C SER B 96 0.02 9.86 8.13
N LYS B 97 -0.26 10.60 9.20
CA LYS B 97 -0.58 9.97 10.48
C LYS B 97 -1.85 9.14 10.38
N THR B 98 -2.88 9.67 9.72
CA THR B 98 -4.12 8.92 9.55
C THR B 98 -3.91 7.70 8.67
N HIS B 99 -3.08 7.82 7.63
CA HIS B 99 -2.77 6.65 6.81
C HIS B 99 -2.13 5.54 7.65
N GLN B 100 -1.16 5.90 8.50
CA GLN B 100 -0.53 4.89 9.35
C GLN B 100 -1.51 4.29 10.35
N ALA B 101 -2.36 5.13 10.93
CA ALA B 101 -3.35 4.64 11.90
C ALA B 101 -4.31 3.66 11.24
N MET B 102 -4.67 3.90 9.98
CA MET B 102 -5.52 2.95 9.28
C MET B 102 -4.76 1.66 8.93
N LEU B 103 -3.48 1.80 8.57
CA LEU B 103 -2.67 0.62 8.29
C LEU B 103 -2.59 -0.30 9.50
N LYS B 104 -2.60 0.25 10.71
CA LYS B 104 -2.56 -0.59 11.91
C LYS B 104 -3.79 -1.50 12.01
N LEU B 105 -4.99 -0.92 11.86
CA LEU B 105 -6.21 -1.72 11.91
C LEU B 105 -6.25 -2.71 10.75
N ASN B 106 -5.77 -2.29 9.57
CA ASN B 106 -5.69 -3.20 8.45
C ASN B 106 -4.81 -4.40 8.77
N ASP B 107 -3.69 -4.16 9.47
CA ASP B 107 -2.83 -5.25 9.88
C ASP B 107 -3.53 -6.17 10.87
N LEU B 108 -4.31 -5.60 11.79
CA LEU B 108 -5.09 -6.43 12.70
C LEU B 108 -6.01 -7.37 11.93
N ILE B 109 -6.76 -6.83 10.98
CA ILE B 109 -7.69 -7.65 10.20
C ILE B 109 -6.94 -8.69 9.39
N ILE B 110 -5.80 -8.31 8.81
CA ILE B 110 -5.04 -9.24 7.98
C ILE B 110 -4.51 -10.40 8.82
N GLN B 111 -4.03 -10.10 10.03
CA GLN B 111 -3.55 -11.18 10.91
C GLN B 111 -4.68 -12.09 11.32
N THR B 112 -5.86 -11.53 11.63
CA THR B 112 -7.01 -12.36 11.96
C THR B 112 -7.36 -13.28 10.80
N PHE B 113 -7.31 -12.77 9.56
CA PHE B 113 -7.62 -13.61 8.41
C PHE B 113 -6.56 -14.65 8.16
N LEU B 114 -5.29 -14.32 8.42
CA LEU B 114 -4.21 -15.27 8.19
C LEU B 114 -4.22 -16.40 9.21
N GLU B 115 -4.65 -16.11 10.44
CA GLU B 115 -4.70 -17.18 11.44
C GLU B 115 -5.71 -18.26 11.08
N LYS B 116 -6.73 -17.91 10.29
CA LYS B 116 -7.77 -18.86 9.88
C LYS B 116 -7.44 -19.55 8.56
N GLY B 117 -6.24 -19.37 8.02
CA GLY B 117 -5.86 -20.01 6.79
C GLY B 117 -6.20 -19.25 5.53
N LEU B 118 -6.79 -18.06 5.64
CA LEU B 118 -7.12 -17.28 4.45
C LEU B 118 -5.95 -16.38 4.07
N PRO B 119 -5.48 -16.42 2.82
CA PRO B 119 -4.33 -15.59 2.42
C PRO B 119 -4.75 -14.16 2.07
N ALA B 120 -5.18 -13.43 3.09
CA ALA B 120 -5.56 -12.03 2.90
C ALA B 120 -4.31 -11.18 2.71
N TYR B 121 -4.30 -10.38 1.64
CA TYR B 121 -3.18 -9.51 1.31
C TYR B 121 -3.63 -8.06 1.35
N SER B 122 -2.86 -7.23 2.04
CA SER B 122 -3.19 -5.83 2.21
C SER B 122 -2.86 -5.04 0.95
N VAL B 123 -3.80 -4.20 0.51
CA VAL B 123 -3.61 -3.33 -0.64
C VAL B 123 -3.92 -1.90 -0.20
N SER B 124 -2.92 -1.03 -0.24
CA SER B 124 -3.10 0.35 0.17
C SER B 124 -4.01 1.07 -0.82
N SER B 125 -5.13 1.62 -0.32
CA SER B 125 -6.08 2.28 -1.20
C SER B 125 -5.51 3.56 -1.79
N SER B 126 -4.80 4.36 -0.97
CA SER B 126 -4.24 5.62 -1.43
C SER B 126 -3.12 5.44 -2.44
N SER B 127 -2.59 4.23 -2.60
CA SER B 127 -1.51 3.98 -3.54
C SER B 127 -2.00 3.72 -4.97
N ILE B 128 -3.31 3.51 -5.15
CA ILE B 128 -3.85 3.13 -6.46
C ILE B 128 -5.03 3.98 -6.88
N PHE B 129 -5.52 4.87 -6.03
CA PHE B 129 -6.74 5.63 -6.32
C PHE B 129 -6.50 7.12 -6.19
N LEU B 130 -7.08 7.88 -7.11
CA LEU B 130 -7.06 9.33 -7.09
C LEU B 130 -8.49 9.86 -7.00
N LEU B 131 -8.67 10.95 -6.27
CA LEU B 131 -9.99 11.42 -5.91
C LEU B 131 -10.36 12.71 -6.64
N GLU B 132 -11.65 12.90 -6.84
CA GLU B 132 -12.21 14.17 -7.31
C GLU B 132 -13.70 14.16 -6.98
N ASN B 133 -14.15 15.19 -6.26
CA ASN B 133 -15.54 15.27 -5.79
C ASN B 133 -15.91 14.03 -4.97
N LYS B 134 -14.98 13.60 -4.11
CA LYS B 134 -15.16 12.42 -3.26
C LYS B 134 -15.45 11.17 -4.06
N GLU B 135 -14.95 11.11 -5.30
CA GLU B 135 -15.16 9.97 -6.17
C GLU B 135 -13.83 9.58 -6.82
N VAL B 136 -13.69 8.30 -7.12
CA VAL B 136 -12.48 7.78 -7.74
C VAL B 136 -12.54 8.09 -9.23
N VAL B 137 -11.64 8.96 -9.70
CA VAL B 137 -11.53 9.30 -11.11
C VAL B 137 -10.30 8.70 -11.75
N TYR B 138 -9.44 8.03 -10.98
CA TYR B 138 -8.27 7.36 -11.51
C TYR B 138 -7.97 6.16 -10.62
N GLY B 139 -7.77 5.00 -11.24
CA GLY B 139 -7.54 3.78 -10.49
C GLY B 139 -6.53 2.89 -11.18
N GLU B 140 -5.95 1.99 -10.38
CA GLU B 140 -5.01 0.98 -10.87
C GLU B 140 -5.46 -0.36 -10.29
N LEU B 141 -5.89 -1.27 -11.17
CA LEU B 141 -6.51 -2.51 -10.74
C LEU B 141 -5.87 -3.77 -11.30
N GLU B 142 -4.79 -3.66 -12.07
CA GLU B 142 -4.13 -4.86 -12.58
C GLU B 142 -3.52 -5.68 -11.45
N ILE B 143 -3.05 -5.02 -10.39
CA ILE B 143 -2.52 -5.75 -9.24
C ILE B 143 -3.63 -6.51 -8.53
N LEU B 144 -4.81 -5.90 -8.41
CA LEU B 144 -5.93 -6.61 -7.80
C LEU B 144 -6.35 -7.82 -8.62
N ARG B 145 -6.34 -7.68 -9.95
CA ARG B 145 -6.65 -8.81 -10.81
C ARG B 145 -5.61 -9.92 -10.66
N LYS B 146 -4.33 -9.55 -10.61
CA LYS B 146 -3.28 -10.55 -10.46
C LYS B 146 -3.39 -11.25 -9.10
N LEU B 147 -3.80 -10.52 -8.06
CA LEU B 147 -4.01 -11.15 -6.76
C LEU B 147 -5.18 -12.11 -6.80
N LEU B 148 -6.30 -11.69 -7.38
CA LEU B 148 -7.47 -12.55 -7.47
C LEU B 148 -7.21 -13.79 -8.32
N GLU B 149 -6.36 -13.67 -9.34
CA GLU B 149 -6.07 -14.80 -10.21
C GLU B 149 -5.23 -15.85 -9.47
N LEU B 150 -4.28 -15.42 -8.66
CA LEU B 150 -3.41 -16.32 -7.91
C LEU B 150 -4.05 -16.80 -6.61
N LYS B 151 -5.38 -16.79 -6.53
CA LYS B 151 -6.11 -17.30 -5.36
C LYS B 151 -5.74 -16.54 -4.09
N PHE B 152 -5.55 -15.23 -4.22
CA PHE B 152 -5.37 -14.34 -3.08
C PHE B 152 -6.66 -13.58 -2.80
N ILE B 153 -6.77 -13.09 -1.58
CA ILE B 153 -7.93 -12.31 -1.14
C ILE B 153 -7.44 -10.90 -0.77
N PRO B 154 -7.65 -9.92 -1.64
CA PRO B 154 -7.21 -8.55 -1.34
C PRO B 154 -8.10 -7.86 -0.33
N VAL B 155 -7.47 -7.08 0.54
CA VAL B 155 -8.15 -6.34 1.60
C VAL B 155 -7.79 -4.86 1.46
N LEU B 156 -8.73 -4.06 1.00
CA LEU B 156 -8.59 -2.61 0.93
C LEU B 156 -9.34 -1.96 2.09
N PHE B 157 -9.09 -0.67 2.27
CA PHE B 157 -9.66 0.05 3.39
C PHE B 157 -10.03 1.47 2.98
N GLY B 158 -11.07 2.00 3.62
CA GLY B 158 -11.35 3.41 3.54
C GLY B 158 -10.17 4.18 4.08
N ASP B 159 -9.62 5.08 3.28
CA ASP B 159 -8.31 5.65 3.55
C ASP B 159 -8.36 7.15 3.32
N THR B 160 -7.24 7.81 3.63
CA THR B 160 -6.97 9.13 3.08
C THR B 160 -6.54 8.98 1.62
N ALA B 161 -6.69 10.04 0.84
CA ALA B 161 -6.40 9.91 -0.58
C ALA B 161 -6.06 11.28 -1.16
N ILE B 162 -5.36 11.25 -2.28
CA ILE B 162 -5.03 12.46 -3.02
C ILE B 162 -6.22 12.84 -3.88
N ALA B 163 -6.68 14.07 -3.73
CA ALA B 163 -7.82 14.60 -4.46
C ALA B 163 -7.33 15.67 -5.44
N LEU B 164 -7.71 15.53 -6.71
CA LEU B 164 -7.27 16.47 -7.73
C LEU B 164 -7.86 17.86 -7.55
N ASP B 165 -8.95 17.99 -6.78
CA ASP B 165 -9.61 19.27 -6.62
C ASP B 165 -9.12 20.03 -5.39
N LYS B 166 -9.03 19.35 -4.24
CA LYS B 166 -8.67 20.00 -2.98
C LYS B 166 -7.42 19.39 -2.36
N GLY B 167 -6.52 18.85 -3.19
CA GLY B 167 -5.27 18.33 -2.68
C GLY B 167 -5.40 17.01 -1.95
N ILE B 168 -6.01 17.03 -0.77
CA ILE B 168 -6.21 15.83 0.03
C ILE B 168 -7.70 15.66 0.31
N ASP B 169 -8.11 14.41 0.55
CA ASP B 169 -9.49 14.11 0.87
C ASP B 169 -9.55 12.76 1.59
N ILE B 170 -10.76 12.39 2.00
CA ILE B 170 -11.01 11.12 2.68
C ILE B 170 -11.79 10.24 1.71
N LEU B 171 -11.13 9.21 1.20
CA LEU B 171 -11.77 8.24 0.30
C LEU B 171 -12.46 7.18 1.16
N SER B 172 -13.79 7.19 1.16
CA SER B 172 -14.55 6.24 1.94
C SER B 172 -14.59 4.88 1.25
N GLY B 173 -14.99 3.86 2.02
CA GLY B 173 -15.06 2.52 1.46
C GLY B 173 -16.16 2.36 0.43
N ASP B 174 -17.23 3.14 0.54
CA ASP B 174 -18.34 3.03 -0.41
C ASP B 174 -17.90 3.46 -1.80
N GLN B 175 -17.09 4.51 -1.90
CA GLN B 175 -16.60 4.94 -3.21
C GLN B 175 -15.65 3.91 -3.82
N ILE B 176 -14.80 3.30 -3.00
CA ILE B 176 -13.93 2.24 -3.46
C ILE B 176 -14.76 1.09 -4.01
N VAL B 177 -15.80 0.70 -3.27
CA VAL B 177 -16.66 -0.41 -3.70
C VAL B 177 -17.37 -0.05 -4.99
N SER B 178 -17.80 1.20 -5.13
CA SER B 178 -18.48 1.63 -6.35
C SER B 178 -17.54 1.55 -7.54
N TYR B 179 -16.32 2.06 -7.40
CA TYR B 179 -15.37 2.00 -8.51
C TYR B 179 -15.03 0.56 -8.86
N LEU B 180 -14.81 -0.28 -7.85
CA LEU B 180 -14.51 -1.69 -8.13
C LEU B 180 -15.67 -2.40 -8.79
N ALA B 181 -16.90 -2.02 -8.43
CA ALA B 181 -18.06 -2.65 -9.06
C ALA B 181 -18.22 -2.20 -10.51
N LYS B 182 -17.94 -0.92 -10.79
CA LYS B 182 -18.03 -0.44 -12.16
C LYS B 182 -16.95 -1.07 -13.03
N MET B 183 -15.76 -1.28 -12.48
CA MET B 183 -14.65 -1.77 -13.29
C MET B 183 -14.60 -3.30 -13.35
N LEU B 184 -14.40 -3.95 -12.20
CA LEU B 184 -14.25 -5.40 -12.17
C LEU B 184 -15.55 -6.16 -12.38
N LYS B 185 -16.70 -5.53 -12.10
CA LYS B 185 -18.02 -6.13 -12.27
C LYS B 185 -18.12 -7.44 -11.50
N PRO B 186 -18.25 -7.40 -10.18
CA PRO B 186 -18.38 -8.64 -9.41
C PRO B 186 -19.77 -9.24 -9.58
N SER B 187 -19.93 -10.44 -9.01
CA SER B 187 -21.24 -11.08 -9.04
C SER B 187 -22.19 -10.46 -8.02
N LYS B 188 -21.67 -10.03 -6.87
CA LYS B 188 -22.49 -9.37 -5.87
C LYS B 188 -21.59 -8.59 -4.91
N VAL B 189 -22.20 -7.61 -4.26
CA VAL B 189 -21.55 -6.78 -3.26
C VAL B 189 -22.36 -6.87 -1.98
N ILE B 190 -21.74 -7.30 -0.89
CA ILE B 190 -22.41 -7.58 0.36
C ILE B 190 -21.89 -6.60 1.41
N PHE B 191 -22.78 -5.75 1.91
CA PHE B 191 -22.48 -4.84 3.01
C PHE B 191 -22.80 -5.51 4.33
N LEU B 192 -21.86 -5.43 5.28
CA LEU B 192 -22.06 -5.95 6.63
C LEU B 192 -22.33 -4.76 7.55
N MET B 193 -23.55 -4.64 8.05
CA MET B 193 -23.95 -3.55 8.92
C MET B 193 -24.37 -4.08 10.28
N ASP B 194 -24.60 -3.15 11.21
CA ASP B 194 -25.04 -3.51 12.55
C ASP B 194 -26.50 -3.90 12.60
N VAL B 195 -27.30 -3.46 11.64
CA VAL B 195 -28.71 -3.79 11.59
C VAL B 195 -28.92 -4.92 10.58
N ASP B 196 -30.14 -5.48 10.57
CA ASP B 196 -30.43 -6.60 9.69
C ASP B 196 -30.49 -6.18 8.22
N GLY B 197 -30.65 -4.91 7.93
CA GLY B 197 -30.71 -4.45 6.55
C GLY B 197 -31.38 -3.09 6.46
N ILE B 198 -31.86 -2.78 5.27
CA ILE B 198 -32.51 -1.51 5.01
C ILE B 198 -33.92 -1.54 5.60
N TYR B 199 -34.16 -0.68 6.58
CA TYR B 199 -35.44 -0.62 7.28
C TYR B 199 -36.23 0.61 6.82
N ASP B 200 -37.41 0.78 7.42
CA ASP B 200 -38.21 1.98 7.21
C ASP B 200 -37.93 2.98 8.32
N ARG B 201 -37.94 4.26 7.96
CA ARG B 201 -37.63 5.34 8.89
C ARG B 201 -36.26 5.14 9.52
N ASN B 202 -36.23 4.57 10.72
CA ASN B 202 -35.01 4.32 11.46
C ASN B 202 -35.17 3.00 12.21
N PRO B 203 -34.17 2.12 12.17
CA PRO B 203 -34.27 0.85 12.91
C PRO B 203 -34.41 1.05 14.42
N LYS B 204 -33.91 2.16 14.96
CA LYS B 204 -34.05 2.41 16.39
C LYS B 204 -35.49 2.75 16.78
N GLU B 205 -36.37 3.00 15.81
CA GLU B 205 -37.76 3.30 16.12
C GLU B 205 -38.49 2.03 16.56
N ARG B 206 -39.65 2.23 17.18
CA ARG B 206 -40.44 1.10 17.65
C ARG B 206 -41.09 0.34 16.51
N ASP B 207 -41.44 1.03 15.42
CA ASP B 207 -42.10 0.43 14.27
C ASP B 207 -41.23 0.64 13.04
N ALA B 208 -40.63 -0.44 12.55
CA ALA B 208 -39.78 -0.37 11.36
C ALA B 208 -39.67 -1.78 10.79
N LYS B 209 -40.24 -1.99 9.60
CA LYS B 209 -40.22 -3.30 8.96
C LYS B 209 -39.02 -3.42 8.04
N LEU B 210 -38.42 -4.61 8.01
CA LEU B 210 -37.26 -4.86 7.17
C LEU B 210 -37.69 -5.05 5.73
N ILE B 211 -37.01 -4.37 4.82
CA ILE B 211 -37.30 -4.47 3.38
C ILE B 211 -36.48 -5.64 2.84
N GLU B 212 -37.13 -6.79 2.67
CA GLU B 212 -36.43 -7.96 2.15
C GLU B 212 -36.11 -7.82 0.66
N GLU B 213 -36.94 -7.07 -0.07
CA GLU B 213 -36.74 -6.86 -1.50
C GLU B 213 -36.79 -5.35 -1.76
N LEU B 214 -35.62 -4.74 -1.92
CA LEU B 214 -35.49 -3.30 -2.10
C LEU B 214 -35.34 -2.99 -3.58
N ASN B 215 -36.07 -1.98 -4.06
CA ASN B 215 -36.02 -1.56 -5.45
C ASN B 215 -35.58 -0.09 -5.54
N VAL B 216 -35.71 0.48 -6.74
CA VAL B 216 -35.23 1.84 -6.98
C VAL B 216 -36.18 2.86 -6.39
N GLU B 217 -37.49 2.68 -6.61
CA GLU B 217 -38.46 3.65 -6.12
C GLU B 217 -38.44 3.74 -4.60
N GLU B 218 -38.30 2.59 -3.94
CA GLU B 218 -38.18 2.61 -2.48
C GLU B 218 -36.92 3.33 -2.05
N ILE B 219 -35.82 3.15 -2.78
CA ILE B 219 -34.58 3.83 -2.44
C ILE B 219 -34.74 5.34 -2.55
N ARG B 220 -35.42 5.80 -3.62
CA ARG B 220 -35.68 7.23 -3.75
C ARG B 220 -36.60 7.73 -2.64
N HIS B 221 -37.61 6.93 -2.29
CA HIS B 221 -38.49 7.29 -1.18
C HIS B 221 -37.71 7.52 0.10
N LEU B 222 -36.82 6.59 0.45
CA LEU B 222 -36.05 6.75 1.67
C LEU B 222 -35.01 7.86 1.55
N LEU B 223 -34.55 8.14 0.32
CA LEU B 223 -33.58 9.22 0.13
C LEU B 223 -34.23 10.58 0.30
N GLU B 224 -35.52 10.71 -0.03
CA GLU B 224 -36.20 11.98 0.17
C GLU B 224 -36.33 12.30 1.66
N SER B 225 -36.66 11.30 2.48
CA SER B 225 -36.80 11.45 3.92
C SER B 225 -37.79 12.56 4.29
N ILE B 237 -26.27 5.97 6.64
CA ILE B 237 -26.92 5.70 5.35
C ILE B 237 -27.01 6.96 4.50
N GLY B 238 -27.71 6.86 3.39
CA GLY B 238 -27.84 7.97 2.46
C GLY B 238 -26.84 7.86 1.34
N ASN B 239 -25.57 8.14 1.67
CA ASN B 239 -24.49 7.92 0.71
C ASN B 239 -24.38 6.44 0.35
N LYS B 240 -24.58 5.56 1.33
CA LYS B 240 -24.55 4.12 1.06
C LYS B 240 -25.64 3.73 0.07
N LEU B 241 -26.83 4.31 0.19
CA LEU B 241 -27.90 3.97 -0.75
C LEU B 241 -27.67 4.56 -2.12
N ARG B 242 -27.06 5.76 -2.21
CA ARG B 242 -26.69 6.31 -3.51
C ARG B 242 -25.69 5.39 -4.21
N GLU B 243 -24.62 5.02 -3.49
CA GLU B 243 -23.63 4.12 -4.07
C GLU B 243 -24.24 2.76 -4.39
N ALA B 244 -25.23 2.31 -3.62
CA ALA B 244 -25.87 1.04 -3.92
C ALA B 244 -26.73 1.13 -5.17
N LEU B 245 -27.43 2.26 -5.35
CA LEU B 245 -28.15 2.49 -6.60
C LEU B 245 -27.19 2.48 -7.79
N LYS B 246 -25.99 3.02 -7.60
CA LYS B 246 -25.02 2.99 -8.68
C LYS B 246 -24.47 1.58 -8.92
N ILE B 247 -24.25 0.82 -7.85
CA ILE B 247 -23.67 -0.52 -7.99
C ILE B 247 -24.68 -1.49 -8.58
N ALA B 248 -25.98 -1.31 -8.29
CA ALA B 248 -27.00 -2.22 -8.80
C ALA B 248 -27.02 -2.27 -10.33
N LYS B 249 -26.46 -1.27 -11.00
CA LYS B 249 -26.35 -1.31 -12.45
C LYS B 249 -25.38 -2.39 -12.93
N HIS B 250 -24.45 -2.82 -12.07
CA HIS B 250 -23.44 -3.80 -12.43
C HIS B 250 -23.58 -5.11 -11.68
N SER B 251 -23.92 -5.09 -10.40
CA SER B 251 -23.96 -6.30 -9.60
C SER B 251 -25.11 -6.22 -8.60
N GLU B 252 -25.53 -7.39 -8.12
CA GLU B 252 -26.50 -7.47 -7.05
C GLU B 252 -25.92 -6.91 -5.76
N VAL B 253 -26.79 -6.41 -4.89
CA VAL B 253 -26.37 -5.79 -3.64
C VAL B 253 -27.11 -6.46 -2.49
N TYR B 254 -26.38 -6.77 -1.43
CA TYR B 254 -26.95 -7.31 -0.21
C TYR B 254 -26.60 -6.40 0.96
N PHE B 255 -27.57 -6.19 1.85
CA PHE B 255 -27.36 -5.49 3.11
C PHE B 255 -27.71 -6.49 4.21
N ILE B 256 -26.70 -6.98 4.92
CA ILE B 256 -26.92 -8.01 5.92
C ILE B 256 -26.27 -7.62 7.23
N ASN B 257 -26.77 -8.21 8.31
CA ASN B 257 -26.23 -7.97 9.65
C ASN B 257 -24.92 -8.75 9.79
N GLY B 258 -23.83 -8.01 9.99
CA GLY B 258 -22.52 -8.64 10.16
C GLY B 258 -22.33 -9.33 11.49
N LYS B 259 -23.18 -9.05 12.48
CA LYS B 259 -23.02 -9.69 13.79
C LYS B 259 -23.37 -11.17 13.73
N VAL B 260 -24.39 -11.53 12.95
CA VAL B 260 -24.75 -12.93 12.78
C VAL B 260 -23.78 -13.58 11.79
N LYS B 261 -23.15 -14.67 12.23
CA LYS B 261 -22.13 -15.31 11.41
C LYS B 261 -22.72 -15.91 10.14
N GLU B 262 -23.83 -16.64 10.26
CA GLU B 262 -24.40 -17.37 9.14
C GLU B 262 -24.99 -16.46 8.07
N ASN B 263 -25.08 -15.15 8.31
CA ASN B 263 -25.69 -14.25 7.33
C ASN B 263 -24.86 -14.18 6.05
N LEU B 264 -23.56 -13.95 6.18
CA LEU B 264 -22.70 -13.75 5.01
C LEU B 264 -22.81 -14.91 4.04
N GLY B 265 -22.72 -16.14 4.54
CA GLY B 265 -22.89 -17.30 3.67
C GLY B 265 -24.20 -17.28 2.93
N LYS B 266 -25.29 -16.96 3.64
CA LYS B 266 -26.60 -16.88 2.98
C LYS B 266 -26.60 -15.82 1.88
N ALA B 267 -25.80 -14.77 2.03
CA ALA B 267 -25.69 -13.77 0.98
C ALA B 267 -24.80 -14.24 -0.16
N ILE B 268 -23.80 -15.08 0.14
CA ILE B 268 -22.92 -15.57 -0.92
C ILE B 268 -23.61 -16.63 -1.76
N ARG B 269 -24.34 -17.54 -1.11
CA ARG B 269 -25.07 -18.58 -1.82
C ARG B 269 -26.35 -18.07 -2.47
N GLY B 270 -26.77 -16.84 -2.17
CA GLY B 270 -27.96 -16.28 -2.75
C GLY B 270 -29.25 -16.54 -2.00
N GLU B 271 -29.17 -17.03 -0.77
CA GLU B 271 -30.38 -17.31 0.00
C GLU B 271 -31.00 -16.01 0.50
N LYS B 272 -32.22 -16.13 1.03
CA LYS B 272 -32.95 -14.99 1.55
C LYS B 272 -32.36 -14.56 2.88
N VAL B 273 -31.81 -13.34 2.92
CA VAL B 273 -31.22 -12.81 4.15
C VAL B 273 -31.11 -11.29 4.04
N GLY B 274 -31.58 -10.59 5.07
CA GLY B 274 -31.45 -9.15 5.11
C GLY B 274 -32.19 -8.47 3.98
N THR B 275 -31.57 -7.44 3.42
CA THR B 275 -32.15 -6.68 2.31
C THR B 275 -31.40 -7.03 1.03
N ARG B 276 -32.14 -7.28 -0.05
CA ARG B 276 -31.56 -7.66 -1.33
C ARG B 276 -32.03 -6.68 -2.40
N LEU B 277 -31.07 -6.04 -3.08
CA LEU B 277 -31.32 -5.17 -4.21
C LEU B 277 -30.80 -5.88 -5.46
N ARG B 278 -31.70 -6.39 -6.28
CA ARG B 278 -31.32 -7.15 -7.45
C ARG B 278 -30.67 -6.24 -8.49
N LYS B 279 -30.02 -6.87 -9.47
CA LYS B 279 -29.40 -6.13 -10.56
C LYS B 279 -30.47 -5.44 -11.40
N LEU B 280 -30.20 -4.21 -11.79
CA LEU B 280 -31.17 -3.43 -12.55
C LEU B 280 -31.38 -4.03 -13.94
N GLU B 281 -32.60 -3.87 -14.45
CA GLU B 281 -32.95 -4.41 -15.76
C GLU B 281 -33.53 -3.32 -16.66
#